data_1TP8
#
_entry.id   1TP8
#
_cell.length_a   89.900
_cell.length_b   121.900
_cell.length_c   131.600
_cell.angle_alpha   90.00
_cell.angle_beta   90.00
_cell.angle_gamma   90.00
#
_symmetry.space_group_name_H-M   'P 21 21 21'
#
loop_
_entity.id
_entity.type
_entity.pdbx_description
1 polymer 'AGGLUTININ ALPHA CHAIN'
2 polymer 'AGGLUTININ BETA CHAIN'
3 non-polymer 'methyl alpha-D-galactopyranoside'
4 water water
#
loop_
_entity_poly.entity_id
_entity_poly.type
_entity_poly.pdbx_seq_one_letter_code
_entity_poly.pdbx_strand_id
1 'polypeptide(L)'
;GKAFDDGAFTGIREINLSYNKETAIGDFQVVYDLNGSPYVGQNHSSFISGFTPVKISLDFPSEYITEVSGYTGNVSGYVV
VRSLTFKTNKKTYGPYGVTSGTPFNLPIENGLIVGFKGSIGYWMDYFSMYLSL
;
A,C,E,G
2 'polypeptide(L)' DENSGKSQTVIVGPWGAKVS B,D,F,H
#
loop_
_chem_comp.id
_chem_comp.type
_chem_comp.name
_chem_comp.formula
AMG D-saccharide 'methyl alpha-D-galactopyranoside' 'C7 H14 O6'
#
# COMPACT_ATOMS: atom_id res chain seq x y z
N GLY A 1 16.17 0.96 -28.38
CA GLY A 1 15.16 -0.12 -28.41
C GLY A 1 13.75 0.44 -28.21
N LYS A 2 12.73 -0.41 -28.25
CA LYS A 2 11.37 0.08 -28.08
C LYS A 2 10.88 -0.09 -26.66
N ALA A 3 10.63 1.02 -25.98
CA ALA A 3 10.16 0.97 -24.60
C ALA A 3 8.74 0.44 -24.42
N PHE A 4 8.51 -0.29 -23.33
CA PHE A 4 7.20 -0.79 -23.01
C PHE A 4 6.89 -0.64 -21.52
N ASP A 5 5.61 -0.75 -21.17
CA ASP A 5 5.20 -0.69 -19.78
C ASP A 5 3.90 -1.44 -19.58
N ASP A 6 3.92 -2.61 -18.95
CA ASP A 6 2.68 -3.36 -18.78
C ASP A 6 1.76 -2.72 -17.74
N GLY A 7 2.26 -2.28 -16.61
CA GLY A 7 1.39 -1.69 -15.60
C GLY A 7 1.24 -2.69 -14.46
N ALA A 8 0.32 -2.40 -13.52
CA ALA A 8 0.17 -3.33 -12.39
C ALA A 8 -1.10 -4.16 -12.51
N PHE A 9 -0.98 -5.41 -12.03
CA PHE A 9 -2.05 -6.40 -12.07
C PHE A 9 -2.26 -6.99 -10.68
N THR A 10 -2.87 -8.17 -10.55
CA THR A 10 -3.11 -8.70 -9.23
C THR A 10 -2.29 -9.96 -9.04
N GLY A 11 -1.60 -10.38 -10.09
CA GLY A 11 -0.76 -11.59 -9.97
C GLY A 11 -0.15 -11.97 -11.29
N ILE A 12 0.53 -13.10 -11.37
CA ILE A 12 1.21 -13.54 -12.59
C ILE A 12 0.88 -15.01 -12.83
N ARG A 13 0.50 -15.31 -14.07
CA ARG A 13 0.12 -16.70 -14.38
C ARG A 13 1.12 -17.43 -15.25
N GLU A 14 1.54 -16.73 -16.32
CA GLU A 14 2.49 -17.30 -17.25
C GLU A 14 3.45 -16.27 -17.83
N ILE A 15 4.70 -16.65 -17.90
CA ILE A 15 5.77 -15.88 -18.50
C ILE A 15 6.30 -16.60 -19.74
N ASN A 16 6.40 -15.89 -20.87
CA ASN A 16 6.98 -16.47 -22.08
C ASN A 16 8.17 -15.63 -22.58
N LEU A 17 9.38 -16.17 -22.68
CA LEU A 17 10.47 -15.32 -23.18
C LEU A 17 11.36 -16.10 -24.13
N SER A 18 12.21 -15.41 -24.87
CA SER A 18 13.15 -16.16 -25.72
C SER A 18 14.58 -15.66 -25.51
N TYR A 19 15.49 -16.60 -25.72
CA TYR A 19 16.90 -16.27 -25.55
C TYR A 19 17.75 -16.92 -26.64
N ASN A 20 19.01 -16.58 -26.61
CA ASN A 20 20.08 -17.05 -27.46
C ASN A 20 21.31 -17.36 -26.58
N LYS A 21 21.90 -18.52 -26.74
CA LYS A 21 23.03 -18.97 -25.94
C LYS A 21 24.33 -18.21 -26.17
N GLU A 22 24.44 -17.47 -27.26
CA GLU A 22 25.61 -16.68 -27.54
C GLU A 22 25.38 -15.22 -27.20
N THR A 23 24.18 -14.68 -27.40
CA THR A 23 23.97 -13.27 -27.16
C THR A 23 23.23 -12.87 -25.90
N ALA A 24 21.90 -12.81 -25.89
CA ALA A 24 21.18 -12.31 -24.72
C ALA A 24 19.71 -12.67 -24.70
N ILE A 25 18.83 -11.85 -24.12
CA ILE A 25 17.41 -12.14 -24.05
C ILE A 25 16.69 -11.36 -25.14
N GLY A 26 15.72 -11.99 -25.83
CA GLY A 26 15.00 -11.34 -26.90
C GLY A 26 13.58 -11.02 -26.55
N ASP A 27 12.61 -11.80 -27.00
CA ASP A 27 11.20 -11.52 -26.75
C ASP A 27 10.79 -11.68 -25.30
N PHE A 28 9.76 -10.94 -24.90
CA PHE A 28 9.26 -11.07 -23.53
C PHE A 28 7.76 -10.80 -23.50
N GLN A 29 7.00 -11.71 -22.90
CA GLN A 29 5.54 -11.55 -22.83
C GLN A 29 4.90 -12.31 -21.68
N VAL A 30 3.94 -11.68 -20.98
CA VAL A 30 3.38 -12.29 -19.78
C VAL A 30 1.86 -12.28 -19.66
N VAL A 31 1.29 -13.42 -19.21
CA VAL A 31 -0.13 -13.54 -18.99
C VAL A 31 -0.33 -13.23 -17.49
N TYR A 32 -1.05 -12.18 -17.15
CA TYR A 32 -1.25 -11.74 -15.78
C TYR A 32 -2.59 -12.20 -15.20
N ASP A 33 -2.73 -12.11 -13.87
CA ASP A 33 -4.02 -12.43 -13.27
C ASP A 33 -4.76 -11.11 -13.06
N LEU A 34 -6.01 -11.01 -13.52
CA LEU A 34 -6.74 -9.76 -13.30
C LEU A 34 -8.02 -10.04 -12.52
N ASN A 35 -7.88 -10.03 -11.19
CA ASN A 35 -9.02 -10.23 -10.30
C ASN A 35 -9.63 -11.61 -10.51
N GLY A 36 -8.79 -12.65 -10.57
CA GLY A 36 -9.30 -14.01 -10.75
C GLY A 36 -9.45 -14.46 -12.18
N SER A 37 -9.14 -13.63 -13.16
CA SER A 37 -9.22 -14.03 -14.55
C SER A 37 -7.93 -13.71 -15.28
N PRO A 38 -7.56 -14.54 -16.23
CA PRO A 38 -6.35 -14.34 -17.01
C PRO A 38 -6.44 -13.05 -17.78
N TYR A 39 -5.26 -12.49 -17.99
CA TYR A 39 -5.10 -11.27 -18.76
C TYR A 39 -3.84 -11.32 -19.61
N VAL A 40 -4.07 -11.26 -20.93
CA VAL A 40 -2.99 -11.38 -21.90
C VAL A 40 -2.34 -10.04 -22.15
N GLY A 41 -1.10 -9.93 -21.67
CA GLY A 41 -0.33 -8.71 -21.86
C GLY A 41 0.14 -8.65 -23.33
N GLN A 42 0.47 -7.45 -23.77
CA GLN A 42 0.99 -7.24 -25.11
C GLN A 42 2.26 -8.07 -25.24
N ASN A 43 2.67 -8.41 -26.46
CA ASN A 43 3.86 -9.21 -26.67
C ASN A 43 4.98 -8.32 -27.19
N HIS A 44 6.08 -8.28 -26.45
CA HIS A 44 7.23 -7.43 -26.72
C HIS A 44 8.32 -8.17 -27.48
N SER A 45 8.25 -8.05 -28.81
CA SER A 45 9.16 -8.81 -29.66
C SER A 45 10.44 -8.04 -29.96
N SER A 46 11.48 -8.80 -30.23
CA SER A 46 12.79 -8.30 -30.63
C SER A 46 12.78 -7.92 -32.11
N PHE A 47 13.66 -7.01 -32.48
CA PHE A 47 13.83 -6.55 -33.84
C PHE A 47 14.43 -7.62 -34.72
N ILE A 48 15.04 -8.70 -34.23
CA ILE A 48 15.63 -9.70 -35.11
C ILE A 48 15.11 -11.09 -34.78
N SER A 49 15.59 -12.17 -35.35
CA SER A 49 15.10 -13.51 -35.09
C SER A 49 16.25 -14.43 -34.66
N GLY A 50 15.96 -15.70 -34.43
CA GLY A 50 16.98 -16.63 -34.00
C GLY A 50 16.94 -17.00 -32.54
N PHE A 51 15.93 -16.64 -31.77
CA PHE A 51 15.96 -17.03 -30.34
C PHE A 51 15.28 -18.33 -30.01
N THR A 52 15.48 -18.86 -28.81
CA THR A 52 14.76 -20.07 -28.36
C THR A 52 13.67 -19.70 -27.37
N PRO A 53 12.45 -20.14 -27.64
CA PRO A 53 11.31 -19.83 -26.79
C PRO A 53 11.27 -20.67 -25.54
N VAL A 54 10.87 -20.07 -24.42
CA VAL A 54 10.70 -20.73 -23.13
C VAL A 54 9.33 -20.35 -22.56
N LYS A 55 8.59 -21.29 -22.04
CA LYS A 55 7.31 -20.96 -21.41
C LYS A 55 7.37 -21.37 -19.94
N ILE A 56 7.11 -20.42 -19.05
CA ILE A 56 7.09 -20.71 -17.62
C ILE A 56 5.66 -20.55 -17.12
N SER A 57 5.02 -21.68 -16.79
CA SER A 57 3.63 -21.59 -16.36
C SER A 57 3.45 -21.91 -14.91
N LEU A 58 3.16 -20.87 -14.14
CA LEU A 58 3.04 -21.04 -12.70
C LEU A 58 1.68 -21.63 -12.33
N ASP A 59 1.69 -22.37 -11.24
CA ASP A 59 0.48 -22.96 -10.67
C ASP A 59 -0.14 -21.95 -9.71
N PHE A 60 -0.73 -20.91 -10.30
CA PHE A 60 -1.34 -19.80 -9.59
C PHE A 60 -2.68 -20.20 -9.01
N PRO A 61 -3.03 -19.78 -7.80
CA PRO A 61 -2.19 -18.93 -6.97
C PRO A 61 -1.31 -19.61 -5.97
N SER A 62 -1.29 -20.92 -5.91
CA SER A 62 -0.46 -21.55 -4.88
C SER A 62 1.01 -21.39 -5.16
N GLU A 63 1.43 -21.22 -6.42
CA GLU A 63 2.83 -20.96 -6.74
C GLU A 63 3.05 -19.53 -7.24
N TYR A 64 4.07 -18.86 -6.69
CA TYR A 64 4.41 -17.48 -7.04
C TYR A 64 5.90 -17.19 -6.91
N ILE A 65 6.41 -16.23 -7.68
CA ILE A 65 7.84 -15.90 -7.72
C ILE A 65 8.36 -15.37 -6.39
N THR A 66 9.49 -15.89 -5.91
CA THR A 66 10.08 -15.41 -4.67
C THR A 66 11.46 -14.76 -4.80
N GLU A 67 12.10 -14.90 -5.96
CA GLU A 67 13.37 -14.31 -6.30
C GLU A 67 13.54 -14.19 -7.80
N VAL A 68 14.00 -13.06 -8.29
CA VAL A 68 14.31 -12.80 -9.68
C VAL A 68 15.79 -12.43 -9.75
N SER A 69 16.57 -13.05 -10.62
CA SER A 69 17.97 -12.65 -10.76
C SER A 69 18.48 -12.82 -12.18
N GLY A 70 19.61 -12.16 -12.48
CA GLY A 70 20.13 -12.29 -13.84
C GLY A 70 21.53 -11.72 -13.99
N TYR A 71 21.90 -11.45 -15.23
CA TYR A 71 23.18 -10.86 -15.58
C TYR A 71 23.00 -9.78 -16.66
N THR A 72 23.68 -8.67 -16.49
CA THR A 72 23.64 -7.61 -17.50
C THR A 72 25.04 -7.52 -18.09
N GLY A 73 25.12 -7.30 -19.40
CA GLY A 73 26.41 -7.24 -20.06
C GLY A 73 26.42 -6.48 -21.38
N ASN A 74 27.65 -6.36 -21.87
CA ASN A 74 27.91 -5.63 -23.12
C ASN A 74 27.84 -6.57 -24.31
N VAL A 75 26.92 -6.33 -25.24
CA VAL A 75 26.81 -7.13 -26.46
C VAL A 75 26.81 -6.14 -27.63
N SER A 76 27.75 -6.31 -28.55
CA SER A 76 27.94 -5.45 -29.70
C SER A 76 27.96 -3.98 -29.29
N GLY A 77 28.68 -3.61 -28.22
CA GLY A 77 28.78 -2.27 -27.74
C GLY A 77 27.58 -1.67 -27.02
N TYR A 78 26.54 -2.44 -26.76
CA TYR A 78 25.32 -2.05 -26.12
C TYR A 78 25.18 -2.69 -24.75
N VAL A 79 24.51 -2.03 -23.80
CA VAL A 79 24.30 -2.74 -22.53
C VAL A 79 22.92 -3.40 -22.53
N VAL A 80 22.87 -4.69 -22.34
CA VAL A 80 21.66 -5.50 -22.44
C VAL A 80 21.56 -6.51 -21.32
N VAL A 81 20.36 -7.10 -21.14
CA VAL A 81 20.16 -8.13 -20.09
C VAL A 81 20.57 -9.48 -20.64
N ARG A 82 21.65 -10.10 -20.16
CA ARG A 82 22.13 -11.31 -20.80
C ARG A 82 21.58 -12.62 -20.31
N SER A 83 21.15 -12.69 -19.07
CA SER A 83 20.57 -13.91 -18.52
C SER A 83 19.38 -13.58 -17.64
N LEU A 84 18.60 -14.57 -17.24
CA LEU A 84 17.43 -14.28 -16.38
C LEU A 84 17.06 -15.59 -15.68
N THR A 85 16.82 -15.56 -14.38
CA THR A 85 16.42 -16.75 -13.65
C THR A 85 15.20 -16.43 -12.77
N PHE A 86 14.18 -17.28 -12.81
CA PHE A 86 13.01 -17.01 -11.96
C PHE A 86 12.86 -18.12 -10.95
N LYS A 87 12.96 -17.86 -9.66
CA LYS A 87 12.77 -18.92 -8.66
C LYS A 87 11.48 -18.73 -7.92
N THR A 88 10.65 -19.74 -7.75
CA THR A 88 9.39 -19.59 -7.03
C THR A 88 9.43 -20.41 -5.75
N ASN A 89 8.30 -20.46 -5.03
CA ASN A 89 8.18 -21.24 -3.82
C ASN A 89 8.22 -22.74 -4.09
N LYS A 90 8.14 -23.20 -5.33
CA LYS A 90 8.18 -24.60 -5.65
C LYS A 90 9.42 -25.05 -6.40
N LYS A 91 9.81 -24.27 -7.41
CA LYS A 91 10.94 -24.67 -8.25
C LYS A 91 11.72 -23.47 -8.76
N THR A 92 12.86 -23.67 -9.39
CA THR A 92 13.65 -22.62 -10.01
C THR A 92 13.58 -22.72 -11.53
N TYR A 93 13.40 -21.65 -12.27
CA TYR A 93 13.39 -21.73 -13.72
C TYR A 93 14.60 -20.94 -14.22
N GLY A 94 15.66 -21.59 -14.68
CA GLY A 94 16.82 -20.87 -15.18
C GLY A 94 18.14 -21.51 -14.81
N PRO A 95 19.24 -20.88 -15.23
CA PRO A 95 19.20 -19.63 -15.97
C PRO A 95 18.89 -19.78 -17.45
N TYR A 96 18.49 -18.69 -18.09
CA TYR A 96 18.25 -18.66 -19.52
C TYR A 96 19.16 -17.58 -20.13
N GLY A 97 19.95 -17.99 -21.14
CA GLY A 97 20.82 -16.99 -21.77
C GLY A 97 22.24 -17.05 -21.27
N VAL A 98 23.07 -16.07 -21.58
CA VAL A 98 24.46 -16.16 -21.11
C VAL A 98 24.68 -15.68 -19.69
N THR A 99 25.35 -16.48 -18.85
CA THR A 99 25.61 -16.00 -17.50
C THR A 99 27.00 -15.40 -17.40
N SER A 100 27.11 -14.17 -17.89
CA SER A 100 28.38 -13.49 -17.95
C SER A 100 28.27 -11.98 -17.90
N GLY A 101 29.04 -11.36 -17.02
CA GLY A 101 28.94 -9.89 -16.94
C GLY A 101 28.75 -9.52 -15.48
N THR A 102 27.79 -8.64 -15.24
CA THR A 102 27.54 -8.24 -13.86
C THR A 102 26.21 -8.81 -13.42
N PRO A 103 26.21 -9.50 -12.31
CA PRO A 103 24.99 -10.09 -11.78
C PRO A 103 24.15 -9.14 -10.97
N PHE A 104 22.86 -9.35 -10.94
CA PHE A 104 21.93 -8.60 -10.09
C PHE A 104 20.92 -9.60 -9.53
N ASN A 105 20.42 -9.35 -8.33
CA ASN A 105 19.41 -10.25 -7.80
C ASN A 105 18.47 -9.54 -6.83
N LEU A 106 17.19 -9.92 -6.96
CA LEU A 106 16.13 -9.36 -6.15
C LEU A 106 15.27 -10.41 -5.48
N PRO A 107 15.70 -10.86 -4.31
CA PRO A 107 14.93 -11.73 -3.46
C PRO A 107 13.82 -10.98 -2.72
N ILE A 108 12.61 -11.49 -2.74
CA ILE A 108 11.49 -10.88 -2.02
C ILE A 108 11.17 -11.58 -0.70
N GLU A 109 11.13 -10.85 0.41
CA GLU A 109 10.88 -11.45 1.71
C GLU A 109 9.40 -11.43 2.04
N ASN A 110 8.73 -10.38 1.62
CA ASN A 110 7.29 -10.25 1.83
C ASN A 110 6.82 -9.35 0.69
N GLY A 111 5.81 -9.78 -0.06
CA GLY A 111 5.33 -8.97 -1.18
C GLY A 111 5.23 -9.79 -2.47
N LEU A 112 4.73 -9.17 -3.52
CA LEU A 112 4.51 -9.85 -4.78
C LEU A 112 4.99 -9.03 -5.97
N ILE A 113 5.29 -9.73 -7.06
CA ILE A 113 5.65 -9.05 -8.31
C ILE A 113 4.37 -9.03 -9.15
N VAL A 114 3.92 -7.83 -9.51
CA VAL A 114 2.64 -7.72 -10.21
C VAL A 114 2.68 -6.98 -11.52
N GLY A 115 3.87 -6.74 -12.08
CA GLY A 115 3.90 -5.99 -13.35
C GLY A 115 5.33 -5.85 -13.83
N PHE A 116 5.59 -5.61 -15.11
CA PHE A 116 6.96 -5.43 -15.61
C PHE A 116 6.99 -4.27 -16.60
N LYS A 117 8.16 -3.70 -16.80
CA LYS A 117 8.34 -2.63 -17.78
C LYS A 117 9.82 -2.60 -18.19
N GLY A 118 10.04 -2.22 -19.46
CA GLY A 118 11.42 -2.24 -19.93
C GLY A 118 11.53 -1.75 -21.35
N SER A 119 12.53 -2.32 -22.03
CA SER A 119 12.80 -1.90 -23.40
C SER A 119 13.55 -2.96 -24.17
N ILE A 120 13.18 -3.20 -25.42
CA ILE A 120 13.82 -4.20 -26.25
C ILE A 120 14.16 -3.61 -27.62
N GLY A 121 15.34 -3.92 -28.09
CA GLY A 121 15.75 -3.49 -29.47
C GLY A 121 16.14 -4.83 -30.11
N TYR A 122 17.45 -5.02 -30.32
CA TYR A 122 17.86 -6.33 -30.82
C TYR A 122 17.65 -7.31 -29.68
N TRP A 123 18.18 -6.94 -28.51
CA TRP A 123 18.06 -7.65 -27.25
C TRP A 123 17.34 -6.81 -26.20
N MET A 124 16.89 -7.43 -25.10
CA MET A 124 16.25 -6.69 -24.02
C MET A 124 17.21 -5.67 -23.41
N ASP A 125 16.99 -4.37 -23.56
CA ASP A 125 17.91 -3.34 -23.06
C ASP A 125 17.98 -3.18 -21.54
N TYR A 126 16.83 -3.18 -20.88
CA TYR A 126 16.75 -3.11 -19.43
C TYR A 126 15.36 -3.48 -18.93
N PHE A 127 15.17 -3.68 -17.63
CA PHE A 127 13.81 -3.81 -17.14
C PHE A 127 13.65 -3.56 -15.65
N SER A 128 12.39 -3.31 -15.28
CA SER A 128 12.00 -2.98 -13.93
C SER A 128 10.75 -3.76 -13.53
N MET A 129 10.60 -3.99 -12.23
CA MET A 129 9.43 -4.72 -11.72
C MET A 129 8.57 -3.91 -10.78
N TYR A 130 7.26 -4.14 -10.84
CA TYR A 130 6.24 -3.57 -9.96
C TYR A 130 6.01 -4.48 -8.75
N LEU A 131 6.15 -3.93 -7.56
CA LEU A 131 5.99 -4.67 -6.33
C LEU A 131 4.72 -4.27 -5.55
N SER A 132 4.26 -5.27 -4.79
CA SER A 132 3.07 -5.05 -3.99
C SER A 132 2.69 -6.06 -2.95
N LEU A 133 1.74 -5.70 -2.11
CA LEU A 133 1.27 -6.51 -1.00
C LEU A 133 0.03 -7.34 -1.29
N SER B 4 -3.01 11.97 -10.89
CA SER B 4 -3.66 12.43 -9.62
C SER B 4 -4.90 11.56 -9.44
N GLY B 5 -5.49 11.07 -10.53
CA GLY B 5 -6.63 10.18 -10.43
C GLY B 5 -6.24 8.76 -10.82
N LYS B 6 -4.94 8.52 -10.93
CA LYS B 6 -4.36 7.23 -11.29
C LYS B 6 -3.71 6.60 -10.06
N SER B 7 -3.97 5.33 -9.79
CA SER B 7 -3.40 4.70 -8.59
C SER B 7 -1.93 4.43 -8.82
N GLN B 8 -1.09 4.32 -7.80
CA GLN B 8 0.33 4.09 -7.99
C GLN B 8 0.86 2.97 -7.15
N THR B 9 1.96 2.34 -7.54
CA THR B 9 2.54 1.18 -6.87
C THR B 9 4.05 1.26 -6.80
N VAL B 10 4.77 0.61 -5.88
CA VAL B 10 6.23 0.81 -5.91
C VAL B 10 6.86 0.14 -7.14
N ILE B 11 7.99 0.65 -7.62
CA ILE B 11 8.71 0.10 -8.77
C ILE B 11 10.21 0.03 -8.51
N VAL B 12 10.86 -1.10 -8.79
CA VAL B 12 12.29 -1.28 -8.64
C VAL B 12 12.97 -1.59 -9.99
N GLY B 13 14.15 -1.01 -10.21
CA GLY B 13 14.95 -1.08 -11.42
C GLY B 13 15.10 0.33 -11.98
N PRO B 14 15.58 0.46 -13.22
CA PRO B 14 15.91 -0.66 -14.06
C PRO B 14 17.26 -1.30 -13.84
N TRP B 15 17.46 -2.43 -14.45
CA TRP B 15 18.67 -3.22 -14.52
C TRP B 15 18.98 -3.37 -16.01
N GLY B 16 20.18 -3.09 -16.46
CA GLY B 16 20.54 -3.12 -17.87
C GLY B 16 20.97 -1.74 -18.31
N ALA B 17 20.79 -1.34 -19.56
CA ALA B 17 21.20 -0.04 -20.07
C ALA B 17 20.75 1.12 -19.21
N LYS B 18 21.40 2.27 -19.30
CA LYS B 18 21.04 3.44 -18.51
C LYS B 18 19.90 4.24 -19.15
N VAL B 19 19.22 4.99 -18.29
CA VAL B 19 18.12 5.89 -18.54
C VAL B 19 17.03 5.33 -19.45
N GLY C 1 25.71 -14.62 13.96
CA GLY C 1 25.43 -13.19 14.25
C GLY C 1 24.19 -13.00 15.12
N LYS C 2 23.92 -11.79 15.55
CA LYS C 2 22.76 -11.57 16.45
C LYS C 2 21.81 -10.72 15.62
N ALA C 3 20.68 -11.34 15.29
CA ALA C 3 19.70 -10.76 14.38
C ALA C 3 18.99 -9.54 14.94
N PHE C 4 18.55 -8.61 14.11
CA PHE C 4 17.88 -7.41 14.57
C PHE C 4 16.79 -7.01 13.58
N ASP C 5 15.76 -6.29 14.06
CA ASP C 5 14.73 -5.81 13.16
C ASP C 5 14.22 -4.43 13.53
N ASP C 6 14.61 -3.33 12.89
CA ASP C 6 14.09 -2.04 13.34
C ASP C 6 12.60 -1.88 13.04
N GLY C 7 12.02 -2.47 12.01
CA GLY C 7 10.63 -2.19 11.71
C GLY C 7 10.42 -1.11 10.68
N ALA C 8 9.17 -0.66 10.48
CA ALA C 8 8.94 0.34 9.42
C ALA C 8 8.54 1.70 9.96
N PHE C 9 9.02 2.80 9.40
CA PHE C 9 8.82 4.16 9.82
C PHE C 9 8.32 5.04 8.71
N THR C 10 8.38 6.37 8.83
CA THR C 10 7.85 7.17 7.71
C THR C 10 8.95 7.77 6.84
N GLY C 11 10.22 7.62 7.19
CA GLY C 11 11.32 8.13 6.40
C GLY C 11 12.65 7.91 7.08
N ILE C 12 13.74 8.38 6.46
CA ILE C 12 15.08 8.20 7.03
C ILE C 12 15.81 9.51 7.24
N ARG C 13 16.43 9.74 8.39
CA ARG C 13 17.10 11.00 8.68
C ARG C 13 18.62 10.91 8.78
N GLU C 14 19.13 9.77 9.22
CA GLU C 14 20.58 9.70 9.35
C GLU C 14 21.02 8.24 9.46
N ILE C 15 22.09 7.91 8.74
CA ILE C 15 22.64 6.57 8.82
C ILE C 15 24.02 6.61 9.47
N ASN C 16 24.27 5.73 10.44
CA ASN C 16 25.58 5.65 11.08
C ASN C 16 26.20 4.27 10.96
N LEU C 17 27.29 4.10 10.21
CA LEU C 17 27.88 2.76 10.13
C LEU C 17 29.38 2.78 10.36
N SER C 18 30.00 1.60 10.31
CA SER C 18 31.44 1.56 10.52
C SER C 18 32.03 0.44 9.67
N TYR C 19 33.25 0.63 9.16
CA TYR C 19 33.88 -0.36 8.28
C TYR C 19 35.38 -0.49 8.52
N ASN C 20 35.95 -1.47 7.86
CA ASN C 20 37.35 -1.80 7.89
C ASN C 20 37.82 -2.09 6.47
N LYS C 21 38.78 -1.34 5.96
CA LYS C 21 39.30 -1.53 4.62
C LYS C 21 39.86 -2.91 4.38
N GLU C 22 40.21 -3.73 5.34
CA GLU C 22 40.69 -5.06 5.05
C GLU C 22 39.64 -6.16 5.22
N THR C 23 38.48 -5.90 5.79
CA THR C 23 37.48 -6.94 6.01
C THR C 23 36.11 -6.57 5.46
N ALA C 24 35.23 -6.09 6.31
CA ALA C 24 33.84 -5.78 5.96
C ALA C 24 33.18 -4.70 6.80
N ILE C 25 31.85 -4.66 6.76
CA ILE C 25 31.07 -3.70 7.53
C ILE C 25 30.89 -4.21 8.96
N GLY C 26 30.86 -3.32 9.94
CA GLY C 26 30.69 -3.71 11.33
C GLY C 26 29.43 -3.09 11.92
N ASP C 27 29.52 -1.98 12.64
CA ASP C 27 28.38 -1.35 13.30
C ASP C 27 27.37 -0.74 12.37
N PHE C 28 26.10 -0.75 12.80
CA PHE C 28 25.01 -0.20 11.98
C PHE C 28 23.91 0.40 12.85
N GLN C 29 23.44 1.58 12.48
CA GLN C 29 22.44 2.26 13.32
C GLN C 29 21.82 3.46 12.63
N VAL C 30 20.49 3.59 12.70
CA VAL C 30 19.88 4.69 11.93
C VAL C 30 18.95 5.59 12.72
N VAL C 31 18.83 6.87 12.32
CA VAL C 31 17.87 7.75 13.00
C VAL C 31 16.68 7.92 12.04
N TYR C 32 15.51 7.36 12.39
CA TYR C 32 14.37 7.39 11.49
C TYR C 32 13.46 8.59 11.68
N ASP C 33 12.59 8.84 10.70
CA ASP C 33 11.57 9.86 10.87
C ASP C 33 10.29 9.15 11.38
N LEU C 34 9.57 9.79 12.30
CA LEU C 34 8.34 9.16 12.76
C LEU C 34 7.29 10.26 12.76
N ASN C 35 6.58 10.35 11.64
CA ASN C 35 5.50 11.32 11.51
C ASN C 35 5.95 12.76 11.72
N GLY C 36 7.11 13.18 11.22
CA GLY C 36 7.54 14.56 11.41
C GLY C 36 8.53 14.77 12.55
N SER C 37 8.86 13.76 13.33
CA SER C 37 9.81 13.82 14.42
C SER C 37 10.86 12.74 14.37
N PRO C 38 12.06 13.09 14.80
CA PRO C 38 13.18 12.19 14.84
C PRO C 38 12.88 10.98 15.70
N TYR C 39 13.43 9.84 15.36
CA TYR C 39 13.26 8.63 16.14
C TYR C 39 14.57 7.86 16.12
N VAL C 40 15.20 7.74 17.29
CA VAL C 40 16.52 7.13 17.33
C VAL C 40 16.40 5.62 17.40
N GLY C 41 16.83 4.89 16.40
CA GLY C 41 16.79 3.44 16.42
C GLY C 41 17.90 2.88 17.29
N GLN C 42 17.68 1.66 17.75
CA GLN C 42 18.60 0.91 18.59
C GLN C 42 19.92 0.76 17.87
N ASN C 43 21.04 0.68 18.57
CA ASN C 43 22.33 0.55 17.92
C ASN C 43 22.75 -0.91 17.84
N HIS C 44 23.05 -1.36 16.63
CA HIS C 44 23.44 -2.74 16.40
C HIS C 44 24.93 -2.88 16.33
N SER C 45 25.56 -3.24 17.43
CA SER C 45 27.03 -3.25 17.44
C SER C 45 27.67 -4.56 17.07
N SER C 46 28.91 -4.54 16.62
CA SER C 46 29.71 -5.70 16.31
C SER C 46 30.38 -6.28 17.56
N PHE C 47 30.63 -7.59 17.59
CA PHE C 47 31.35 -8.18 18.71
C PHE C 47 32.70 -7.59 18.95
N ILE C 48 33.46 -7.13 17.99
CA ILE C 48 34.82 -6.65 18.14
C ILE C 48 34.96 -5.17 17.78
N SER C 49 36.21 -4.71 17.76
CA SER C 49 36.55 -3.32 17.53
C SER C 49 37.54 -3.13 16.40
N GLY C 50 37.91 -1.87 16.12
CA GLY C 50 38.83 -1.60 15.02
C GLY C 50 38.20 -1.07 13.75
N PHE C 51 36.99 -0.56 13.72
CA PHE C 51 36.33 -0.05 12.54
C PHE C 51 36.40 1.45 12.41
N THR C 52 36.06 2.01 11.25
CA THR C 52 36.02 3.46 11.05
C THR C 52 34.59 3.97 10.90
N PRO C 53 34.22 4.87 11.81
CA PRO C 53 32.92 5.50 11.85
C PRO C 53 32.55 6.29 10.62
N VAL C 54 31.29 6.38 10.25
CA VAL C 54 30.84 7.16 9.10
C VAL C 54 29.44 7.69 9.46
N LYS C 55 29.17 8.95 9.18
CA LYS C 55 27.86 9.50 9.46
C LYS C 55 27.22 10.08 8.21
N ILE C 56 26.12 9.50 7.74
CA ILE C 56 25.41 10.00 6.57
C ILE C 56 24.19 10.76 7.05
N SER C 57 24.10 12.03 6.77
CA SER C 57 22.94 12.80 7.23
C SER C 57 22.15 13.40 6.09
N LEU C 58 21.04 12.78 5.71
CA LEU C 58 20.33 13.35 4.57
C LEU C 58 19.59 14.60 5.02
N ASP C 59 19.36 15.49 4.06
CA ASP C 59 18.63 16.72 4.27
C ASP C 59 17.13 16.45 4.14
N PHE C 60 16.60 15.67 5.08
CA PHE C 60 15.19 15.32 5.06
C PHE C 60 14.26 16.53 5.15
N PRO C 61 13.15 16.53 4.44
CA PRO C 61 12.74 15.46 3.57
C PRO C 61 12.93 15.75 2.10
N SER C 62 13.72 16.75 1.73
CA SER C 62 13.89 17.04 0.30
C SER C 62 14.96 16.12 -0.27
N GLU C 63 15.75 15.50 0.59
CA GLU C 63 16.75 14.51 0.20
C GLU C 63 16.36 13.10 0.65
N TYR C 64 16.45 12.10 -0.22
CA TYR C 64 16.09 10.71 0.14
C TYR C 64 16.81 9.72 -0.76
N ILE C 65 17.13 8.55 -0.22
CA ILE C 65 17.84 7.49 -0.94
C ILE C 65 17.07 7.04 -2.18
N THR C 66 17.82 6.98 -3.29
CA THR C 66 17.24 6.56 -4.55
C THR C 66 17.89 5.28 -5.06
N GLU C 67 18.91 4.81 -4.37
CA GLU C 67 19.54 3.54 -4.73
C GLU C 67 20.44 3.03 -3.61
N VAL C 68 20.46 1.71 -3.36
CA VAL C 68 21.37 1.12 -2.38
C VAL C 68 22.19 0.04 -3.10
N SER C 69 23.47 -0.16 -2.79
CA SER C 69 24.23 -1.24 -3.45
C SER C 69 25.45 -1.60 -2.62
N GLY C 70 25.97 -2.81 -2.78
CA GLY C 70 27.15 -3.21 -2.02
C GLY C 70 27.79 -4.47 -2.59
N TYR C 71 28.62 -5.13 -1.81
CA TYR C 71 29.24 -6.38 -2.23
C TYR C 71 29.12 -7.40 -1.09
N THR C 72 28.98 -8.67 -1.43
CA THR C 72 28.98 -9.72 -0.42
C THR C 72 30.15 -10.64 -0.75
N GLY C 73 30.70 -11.30 0.27
CA GLY C 73 31.83 -12.17 0.05
C GLY C 73 32.27 -12.85 1.33
N ASN C 74 33.09 -13.87 1.18
CA ASN C 74 33.62 -14.70 2.23
C ASN C 74 34.74 -14.06 3.01
N VAL C 75 34.67 -13.97 4.32
CA VAL C 75 35.70 -13.39 5.18
C VAL C 75 35.89 -14.28 6.41
N SER C 76 37.10 -14.81 6.54
CA SER C 76 37.48 -15.73 7.62
C SER C 76 36.55 -16.92 7.72
N GLY C 77 36.03 -17.42 6.59
CA GLY C 77 35.13 -18.55 6.55
C GLY C 77 33.66 -18.17 6.53
N TYR C 78 33.34 -16.90 6.80
CA TYR C 78 31.96 -16.45 6.83
C TYR C 78 31.56 -15.59 5.63
N VAL C 79 30.31 -15.69 5.20
CA VAL C 79 29.83 -14.85 4.10
C VAL C 79 29.23 -13.59 4.73
N VAL C 80 29.74 -12.41 4.48
CA VAL C 80 29.29 -11.20 5.13
C VAL C 80 29.15 -10.05 4.16
N VAL C 81 28.54 -8.94 4.52
CA VAL C 81 28.42 -7.79 3.61
C VAL C 81 29.71 -6.98 3.64
N ARG C 82 30.56 -7.05 2.62
CA ARG C 82 31.84 -6.36 2.65
C ARG C 82 31.76 -4.90 2.27
N SER C 83 30.89 -4.50 1.35
CA SER C 83 30.87 -3.05 1.05
C SER C 83 29.45 -2.50 0.98
N LEU C 84 29.26 -1.19 0.99
CA LEU C 84 27.90 -0.64 0.98
C LEU C 84 27.91 0.79 0.46
N THR C 85 26.93 1.16 -0.34
CA THR C 85 26.87 2.51 -0.92
C THR C 85 25.48 3.11 -0.90
N PHE C 86 25.32 4.37 -0.53
CA PHE C 86 23.99 4.96 -0.49
C PHE C 86 23.95 6.11 -1.47
N LYS C 87 23.10 6.06 -2.48
CA LYS C 87 23.04 7.18 -3.43
C LYS C 87 21.68 7.84 -3.27
N THR C 88 21.64 9.15 -3.11
CA THR C 88 20.38 9.84 -2.99
C THR C 88 20.13 10.64 -4.26
N ASN C 89 19.07 11.43 -4.26
CA ASN C 89 18.76 12.32 -5.35
C ASN C 89 19.66 13.54 -5.37
N LYS C 90 20.52 13.67 -4.36
CA LYS C 90 21.45 14.78 -4.31
C LYS C 90 22.92 14.42 -4.33
N LYS C 91 23.34 13.29 -3.80
CA LYS C 91 24.76 12.96 -3.77
C LYS C 91 24.99 11.47 -3.64
N THR C 92 26.22 10.98 -3.65
CA THR C 92 26.54 9.57 -3.49
C THR C 92 27.40 9.34 -2.26
N TYR C 93 27.11 8.40 -1.36
CA TYR C 93 27.94 8.20 -0.18
C TYR C 93 28.56 6.82 -0.24
N GLY C 94 29.87 6.76 -0.46
CA GLY C 94 30.56 5.48 -0.61
C GLY C 94 31.32 5.37 -1.93
N PRO C 95 31.81 4.16 -2.16
CA PRO C 95 31.58 3.03 -1.28
C PRO C 95 32.39 3.01 0.00
N TYR C 96 31.90 2.25 0.98
CA TYR C 96 32.60 2.02 2.22
C TYR C 96 32.89 0.52 2.36
N GLY C 97 34.10 0.19 2.82
CA GLY C 97 34.51 -1.20 2.98
C GLY C 97 35.26 -1.73 1.75
N VAL C 98 35.26 -3.04 1.59
CA VAL C 98 35.97 -3.72 0.53
C VAL C 98 35.10 -3.95 -0.70
N THR C 99 35.45 -3.40 -1.86
CA THR C 99 34.65 -3.65 -3.05
C THR C 99 35.11 -4.90 -3.78
N SER C 100 34.97 -6.07 -3.15
CA SER C 100 35.32 -7.34 -3.76
C SER C 100 34.32 -8.44 -3.45
N GLY C 101 34.19 -9.47 -4.28
CA GLY C 101 33.20 -10.53 -4.06
C GLY C 101 32.07 -10.47 -5.08
N THR C 102 30.83 -10.74 -4.73
CA THR C 102 29.68 -10.65 -5.60
C THR C 102 28.93 -9.35 -5.31
N PRO C 103 28.70 -8.56 -6.33
CA PRO C 103 27.97 -7.31 -6.20
C PRO C 103 26.47 -7.48 -6.08
N PHE C 104 25.75 -6.40 -5.77
CA PHE C 104 24.29 -6.39 -5.74
C PHE C 104 23.84 -4.93 -5.82
N ASN C 105 22.75 -4.60 -6.49
CA ASN C 105 22.25 -3.23 -6.37
C ASN C 105 20.71 -3.19 -6.39
N LEU C 106 20.14 -2.15 -5.80
CA LEU C 106 18.71 -2.00 -5.69
C LEU C 106 18.29 -0.56 -5.91
N PRO C 107 18.10 -0.19 -7.18
CA PRO C 107 17.64 1.12 -7.57
C PRO C 107 16.12 1.22 -7.36
N ILE C 108 15.64 2.35 -6.87
CA ILE C 108 14.21 2.52 -6.65
C ILE C 108 13.60 3.58 -7.56
N GLU C 109 12.79 3.17 -8.52
CA GLU C 109 12.13 4.06 -9.46
C GLU C 109 10.97 4.82 -8.86
N ASN C 110 10.23 4.22 -7.93
CA ASN C 110 9.08 4.86 -7.28
C ASN C 110 8.86 4.18 -5.93
N GLY C 111 8.94 4.91 -4.84
CA GLY C 111 8.80 4.33 -3.51
C GLY C 111 9.91 4.86 -2.58
N LEU C 112 9.92 4.39 -1.33
CA LEU C 112 10.88 4.87 -0.37
C LEU C 112 11.40 3.78 0.56
N ILE C 113 12.69 3.80 0.90
CA ILE C 113 13.21 2.86 1.90
C ILE C 113 12.79 3.37 3.28
N VAL C 114 12.07 2.61 4.08
CA VAL C 114 11.66 3.14 5.39
C VAL C 114 12.02 2.21 6.52
N GLY C 115 12.91 1.23 6.36
CA GLY C 115 13.21 0.36 7.52
C GLY C 115 14.34 -0.59 7.21
N PHE C 116 14.97 -1.15 8.24
CA PHE C 116 16.07 -2.10 8.04
C PHE C 116 16.00 -3.27 9.05
N LYS C 117 16.58 -4.39 8.60
CA LYS C 117 16.72 -5.56 9.45
C LYS C 117 17.87 -6.43 8.97
N GLY C 118 18.52 -7.14 9.90
CA GLY C 118 19.64 -7.99 9.46
C GLY C 118 20.20 -8.77 10.63
N SER C 119 21.50 -9.01 10.59
CA SER C 119 22.22 -9.69 11.67
C SER C 119 23.69 -9.29 11.62
N ILE C 120 24.30 -9.18 12.77
CA ILE C 120 25.68 -8.73 12.93
C ILE C 120 26.40 -9.56 13.99
N GLY C 121 27.54 -10.14 13.60
CA GLY C 121 28.34 -10.94 14.54
C GLY C 121 29.63 -10.13 14.57
N TYR C 122 30.65 -10.69 13.93
CA TYR C 122 31.92 -9.96 13.82
C TYR C 122 31.75 -8.82 12.83
N TRP C 123 31.13 -9.18 11.70
CA TRP C 123 30.78 -8.30 10.61
C TRP C 123 29.28 -8.44 10.32
N MET C 124 28.79 -7.57 9.43
CA MET C 124 27.37 -7.61 9.09
C MET C 124 27.10 -8.88 8.29
N ASP C 125 26.37 -9.82 8.85
CA ASP C 125 26.05 -11.08 8.19
C ASP C 125 25.16 -10.90 6.97
N TYR C 126 24.03 -10.23 7.07
CA TYR C 126 23.18 -9.99 5.91
C TYR C 126 22.25 -8.83 6.19
N PHE C 127 21.41 -8.44 5.24
CA PHE C 127 20.43 -7.38 5.58
C PHE C 127 19.32 -7.17 4.56
N SER C 128 18.17 -6.65 4.96
CA SER C 128 17.00 -6.42 4.14
C SER C 128 16.38 -5.04 4.39
N MET C 129 15.54 -4.58 3.47
CA MET C 129 14.96 -3.25 3.55
C MET C 129 13.44 -3.24 3.44
N TYR C 130 12.80 -2.31 4.14
CA TYR C 130 11.36 -2.12 4.07
C TYR C 130 11.05 -1.07 2.99
N LEU C 131 10.18 -1.43 2.05
CA LEU C 131 9.80 -0.52 0.98
C LEU C 131 8.35 -0.05 1.16
N SER C 132 8.14 1.16 0.64
CA SER C 132 6.81 1.75 0.72
C SER C 132 6.56 2.94 -0.19
N LEU C 133 5.31 3.26 -0.42
CA LEU C 133 4.86 4.40 -1.22
C LEU C 133 4.87 5.61 -0.27
N SER D 4 -2.19 -10.27 12.89
CA SER D 4 -3.39 -9.96 12.04
C SER D 4 -3.85 -8.58 12.50
N GLY D 5 -3.32 -8.18 13.66
CA GLY D 5 -3.69 -6.86 14.16
C GLY D 5 -2.56 -5.88 13.88
N LYS D 6 -1.54 -6.38 13.21
CA LYS D 6 -0.34 -5.69 12.86
C LYS D 6 -0.31 -5.31 11.39
N SER D 7 0.03 -4.08 11.03
CA SER D 7 0.11 -3.68 9.65
C SER D 7 1.36 -4.27 9.01
N GLN D 8 1.40 -4.27 7.67
CA GLN D 8 2.52 -4.92 7.00
C GLN D 8 3.03 -4.15 5.79
N THR D 9 4.27 -4.41 5.38
CA THR D 9 4.91 -3.65 4.32
C THR D 9 5.78 -4.53 3.44
N VAL D 10 6.08 -4.17 2.19
CA VAL D 10 6.93 -5.08 1.41
C VAL D 10 8.36 -5.03 1.92
N ILE D 11 9.06 -6.17 1.90
CA ILE D 11 10.44 -6.26 2.33
C ILE D 11 11.29 -6.98 1.28
N VAL D 12 12.39 -6.37 0.86
CA VAL D 12 13.28 -7.02 -0.12
C VAL D 12 14.55 -7.47 0.60
N GLY D 13 15.12 -8.59 0.21
CA GLY D 13 16.31 -9.14 0.85
C GLY D 13 16.02 -10.57 1.32
N PRO D 14 16.98 -11.17 2.00
CA PRO D 14 18.24 -10.50 2.35
C PRO D 14 19.40 -10.60 1.40
N TRP D 15 20.50 -9.91 1.66
CA TRP D 15 21.73 -9.99 0.90
C TRP D 15 22.85 -10.39 1.87
N GLY D 16 23.60 -11.44 1.63
CA GLY D 16 24.66 -11.86 2.53
C GLY D 16 24.49 -13.31 2.90
N ALA D 17 24.98 -13.75 4.05
CA ALA D 17 24.83 -15.14 4.48
C ALA D 17 23.39 -15.60 4.32
N LYS D 18 23.19 -16.89 4.08
CA LYS D 18 21.83 -17.44 3.98
C LYS D 18 21.12 -17.48 5.34
N VAL D 19 19.80 -17.76 5.25
CA VAL D 19 18.99 -18.01 6.42
C VAL D 19 19.10 -16.97 7.54
N GLY E 1 -30.26 -11.22 -3.04
CA GLY E 1 -30.02 -10.94 -4.48
C GLY E 1 -28.74 -11.59 -5.00
N LYS E 2 -28.29 -11.17 -6.19
CA LYS E 2 -27.10 -11.73 -6.79
C LYS E 2 -25.82 -10.92 -6.54
N ALA E 3 -24.90 -11.54 -5.82
CA ALA E 3 -23.63 -10.92 -5.47
C ALA E 3 -22.67 -10.74 -6.65
N PHE E 4 -21.97 -9.61 -6.65
CA PHE E 4 -20.93 -9.33 -7.62
C PHE E 4 -19.71 -8.73 -6.91
N ASP E 5 -18.60 -8.76 -7.62
CA ASP E 5 -17.34 -8.22 -7.16
C ASP E 5 -16.45 -7.86 -8.35
N ASP E 6 -16.31 -6.57 -8.66
CA ASP E 6 -15.50 -6.13 -9.77
C ASP E 6 -14.01 -6.24 -9.51
N GLY E 7 -13.51 -6.04 -8.30
CA GLY E 7 -12.07 -6.17 -8.06
C GLY E 7 -11.40 -4.81 -8.04
N ALA E 8 -10.06 -4.75 -8.09
CA ALA E 8 -9.42 -3.43 -8.03
C ALA E 8 -8.74 -3.07 -9.32
N PHE E 9 -8.92 -1.81 -9.74
CA PHE E 9 -8.37 -1.27 -10.98
C PHE E 9 -7.41 -0.15 -10.69
N THR E 10 -7.12 0.72 -11.66
CA THR E 10 -6.17 1.80 -11.44
C THR E 10 -6.87 3.15 -11.52
N GLY E 11 -8.19 3.17 -11.52
CA GLY E 11 -9.00 4.38 -11.60
C GLY E 11 -10.41 4.16 -12.13
N ILE E 12 -11.18 5.26 -12.26
CA ILE E 12 -12.55 5.22 -12.71
C ILE E 12 -12.79 6.25 -13.82
N ARG E 13 -13.46 5.83 -14.90
CA ARG E 13 -13.73 6.74 -16.01
C ARG E 13 -15.20 7.13 -16.13
N GLU E 14 -16.08 6.15 -15.95
CA GLU E 14 -17.52 6.41 -16.06
C GLU E 14 -18.36 5.43 -15.25
N ILE E 15 -19.41 5.96 -14.62
CA ILE E 15 -20.35 5.19 -13.85
C ILE E 15 -21.75 5.25 -14.47
N ASN E 16 -22.37 4.11 -14.65
CA ASN E 16 -23.72 3.93 -15.18
C ASN E 16 -24.72 3.27 -14.24
N LEU E 17 -25.63 4.01 -13.63
CA LEU E 17 -26.63 3.41 -12.74
C LEU E 17 -28.07 3.80 -13.05
N SER E 18 -29.05 3.05 -12.53
CA SER E 18 -30.45 3.43 -12.72
C SER E 18 -31.16 3.49 -11.36
N TYR E 19 -32.22 4.28 -11.26
CA TYR E 19 -32.95 4.39 -10.02
C TYR E 19 -34.44 4.55 -10.28
N ASN E 20 -35.22 4.68 -9.24
CA ASN E 20 -36.66 4.87 -9.25
C ASN E 20 -37.04 5.89 -8.19
N LYS E 21 -37.79 6.94 -8.54
CA LYS E 21 -38.14 7.92 -7.50
C LYS E 21 -38.96 7.36 -6.36
N GLU E 22 -39.67 6.25 -6.47
CA GLU E 22 -40.45 5.73 -5.36
C GLU E 22 -39.76 4.59 -4.62
N THR E 23 -38.89 3.81 -5.26
CA THR E 23 -38.26 2.71 -4.53
C THR E 23 -36.81 2.89 -4.14
N ALA E 24 -35.88 2.46 -4.99
CA ALA E 24 -34.45 2.52 -4.65
C ALA E 24 -33.55 2.40 -5.87
N ILE E 25 -32.25 2.16 -5.69
CA ILE E 25 -31.32 2.04 -6.80
C ILE E 25 -31.46 0.67 -7.48
N GLY E 26 -31.39 0.63 -8.81
CA GLY E 26 -31.48 -0.58 -9.56
C GLY E 26 -30.20 -1.10 -10.16
N ASP E 27 -29.95 -0.85 -11.45
CA ASP E 27 -28.75 -1.41 -12.08
C ASP E 27 -27.49 -0.61 -11.76
N PHE E 28 -26.34 -1.24 -11.92
CA PHE E 28 -25.08 -0.54 -11.63
C PHE E 28 -23.95 -1.08 -12.50
N GLN E 29 -23.20 -0.16 -13.13
CA GLN E 29 -22.12 -0.62 -14.03
C GLN E 29 -21.02 0.41 -14.22
N VAL E 30 -19.74 -0.03 -14.15
CA VAL E 30 -18.68 0.98 -14.24
C VAL E 30 -17.55 0.69 -15.21
N VAL E 31 -17.10 1.74 -15.91
CA VAL E 31 -16.00 1.58 -16.87
C VAL E 31 -14.75 2.07 -16.11
N TYR E 32 -13.91 1.10 -15.81
CA TYR E 32 -12.69 1.36 -15.05
C TYR E 32 -11.55 1.82 -15.93
N ASP E 33 -10.46 2.28 -15.29
CA ASP E 33 -9.25 2.59 -16.03
C ASP E 33 -8.25 1.46 -15.71
N LEU E 34 -7.69 0.82 -16.72
CA LEU E 34 -6.73 -0.25 -16.43
C LEU E 34 -5.37 0.09 -17.03
N ASN E 35 -4.58 0.79 -16.21
CA ASN E 35 -3.22 1.17 -16.61
C ASN E 35 -3.27 2.03 -17.86
N GLY E 36 -4.07 3.07 -17.93
CA GLY E 36 -4.10 3.94 -19.09
C GLY E 36 -5.09 3.56 -20.16
N SER E 37 -5.77 2.44 -20.00
CA SER E 37 -6.78 2.03 -20.95
C SER E 37 -8.13 1.70 -20.33
N PRO E 38 -9.19 2.14 -21.00
CA PRO E 38 -10.54 1.87 -20.61
C PRO E 38 -10.77 0.37 -20.42
N TYR E 39 -11.53 0.04 -19.40
CA TYR E 39 -11.89 -1.33 -19.08
C TYR E 39 -13.37 -1.47 -18.78
N VAL E 40 -14.09 -2.20 -19.61
CA VAL E 40 -15.53 -2.32 -19.40
C VAL E 40 -15.86 -3.36 -18.35
N GLY E 41 -16.34 -2.91 -17.17
CA GLY E 41 -16.76 -3.82 -16.12
C GLY E 41 -18.03 -4.58 -16.49
N GLN E 42 -18.26 -5.71 -15.81
CA GLN E 42 -19.47 -6.51 -16.05
C GLN E 42 -20.71 -5.69 -15.73
N ASN E 43 -21.83 -5.91 -16.38
CA ASN E 43 -23.01 -5.09 -16.10
C ASN E 43 -23.90 -5.75 -15.06
N HIS E 44 -24.22 -5.09 -13.96
CA HIS E 44 -24.99 -5.72 -12.88
C HIS E 44 -26.46 -5.29 -12.91
N SER E 45 -27.30 -6.14 -13.50
CA SER E 45 -28.68 -5.67 -13.68
C SER E 45 -29.61 -6.15 -12.59
N SER E 46 -30.72 -5.45 -12.42
CA SER E 46 -31.76 -5.78 -11.46
C SER E 46 -32.69 -6.85 -11.99
N PHE E 47 -33.34 -7.61 -11.12
CA PHE E 47 -34.31 -8.58 -11.57
C PHE E 47 -35.56 -7.96 -12.13
N ILE E 48 -35.82 -6.68 -12.01
CA ILE E 48 -37.08 -6.14 -12.52
C ILE E 48 -36.80 -4.98 -13.45
N SER E 49 -37.79 -4.33 -14.02
CA SER E 49 -37.59 -3.23 -14.94
C SER E 49 -38.29 -1.97 -14.45
N GLY E 50 -38.18 -0.89 -15.19
CA GLY E 50 -38.84 0.36 -14.82
C GLY E 50 -37.94 1.40 -14.18
N PHE E 51 -36.61 1.34 -14.38
CA PHE E 51 -35.76 2.34 -13.73
C PHE E 51 -35.43 3.49 -14.65
N THR E 52 -34.97 4.61 -14.12
CA THR E 52 -34.45 5.71 -14.95
C THR E 52 -32.93 5.58 -14.99
N PRO E 53 -32.34 5.64 -16.16
CA PRO E 53 -30.90 5.49 -16.32
C PRO E 53 -30.14 6.78 -16.14
N VAL E 54 -28.95 6.72 -15.55
CA VAL E 54 -28.06 7.85 -15.34
C VAL E 54 -26.64 7.46 -15.77
N LYS E 55 -25.97 8.39 -16.46
CA LYS E 55 -24.58 8.14 -16.85
C LYS E 55 -23.69 9.24 -16.29
N ILE E 56 -22.73 8.84 -15.45
CA ILE E 56 -21.79 9.84 -14.92
C ILE E 56 -20.48 9.64 -15.65
N SER E 57 -20.01 10.68 -16.33
CA SER E 57 -18.75 10.55 -17.07
C SER E 57 -17.64 11.45 -16.59
N LEU E 58 -16.70 10.86 -15.87
CA LEU E 58 -15.63 11.68 -15.32
C LEU E 58 -14.62 12.05 -16.39
N ASP E 59 -14.00 13.19 -16.19
CA ASP E 59 -12.95 13.71 -17.05
C ASP E 59 -11.61 13.18 -16.52
N PHE E 60 -11.45 11.87 -16.65
CA PHE E 60 -10.24 11.20 -16.16
C PHE E 60 -9.06 11.63 -17.00
N PRO E 61 -7.90 11.83 -16.38
CA PRO E 61 -7.72 11.64 -14.96
C PRO E 61 -7.74 12.88 -14.11
N SER E 62 -8.03 14.05 -14.63
CA SER E 62 -7.98 15.24 -13.79
C SER E 62 -9.21 15.36 -12.91
N GLU E 63 -10.23 14.54 -13.09
CA GLU E 63 -11.44 14.63 -12.28
C GLU E 63 -11.69 13.29 -11.60
N TYR E 64 -11.71 13.23 -10.27
CA TYR E 64 -11.92 11.97 -9.58
C TYR E 64 -12.84 12.09 -8.37
N ILE E 65 -13.53 11.02 -7.98
CA ILE E 65 -14.42 11.01 -6.82
C ILE E 65 -13.68 11.40 -5.55
N THR E 66 -14.30 12.27 -4.75
CA THR E 66 -13.70 12.69 -3.50
C THR E 66 -14.63 12.36 -2.33
N GLU E 67 -15.85 11.95 -2.62
CA GLU E 67 -16.79 11.57 -1.58
C GLU E 67 -17.99 10.82 -2.17
N VAL E 68 -18.42 9.80 -1.43
CA VAL E 68 -19.57 9.01 -1.83
C VAL E 68 -20.57 9.01 -0.68
N SER E 69 -21.84 9.28 -0.91
CA SER E 69 -22.83 9.18 0.17
C SER E 69 -24.17 8.67 -0.34
N GLY E 70 -24.97 8.12 0.55
CA GLY E 70 -26.28 7.57 0.22
C GLY E 70 -27.18 7.40 1.45
N TYR E 71 -28.30 6.70 1.25
CA TYR E 71 -29.29 6.37 2.27
C TYR E 71 -29.62 4.90 2.14
N THR E 72 -29.84 4.20 3.22
CA THR E 72 -30.23 2.79 3.15
C THR E 72 -31.57 2.66 3.87
N GLY E 73 -32.35 1.64 3.57
CA GLY E 73 -33.64 1.54 4.25
C GLY E 73 -34.50 0.42 3.71
N ASN E 74 -35.63 0.24 4.39
CA ASN E 74 -36.60 -0.81 4.12
C ASN E 74 -37.47 -0.58 2.91
N VAL E 75 -37.52 -1.53 1.98
CA VAL E 75 -38.37 -1.47 0.82
C VAL E 75 -38.97 -2.88 0.73
N SER E 76 -40.28 -2.94 0.91
CA SER E 76 -41.03 -4.18 0.89
C SER E 76 -40.46 -5.26 1.81
N GLY E 77 -40.04 -4.86 3.01
CA GLY E 77 -39.47 -5.80 3.96
C GLY E 77 -37.97 -6.02 3.85
N TYR E 78 -37.33 -5.52 2.80
CA TYR E 78 -35.91 -5.72 2.58
C TYR E 78 -35.12 -4.45 2.82
N VAL E 79 -33.93 -4.57 3.42
CA VAL E 79 -33.09 -3.38 3.59
C VAL E 79 -32.28 -3.16 2.31
N VAL E 80 -32.43 -2.03 1.62
CA VAL E 80 -31.69 -1.80 0.39
C VAL E 80 -31.00 -0.44 0.36
N VAL E 81 -30.25 -0.14 -0.70
CA VAL E 81 -29.60 1.17 -0.84
C VAL E 81 -30.61 2.03 -1.57
N ARG E 82 -31.16 3.04 -0.89
CA ARG E 82 -32.22 3.79 -1.58
C ARG E 82 -31.73 4.98 -2.35
N SER E 83 -30.58 5.50 -1.99
CA SER E 83 -30.11 6.72 -2.66
C SER E 83 -28.62 6.68 -2.87
N LEU E 84 -28.08 7.50 -3.76
CA LEU E 84 -26.61 7.48 -3.93
C LEU E 84 -26.20 8.83 -4.48
N THR E 85 -25.04 9.33 -4.03
CA THR E 85 -24.49 10.59 -4.49
C THR E 85 -22.97 10.56 -4.71
N PHE E 86 -22.50 10.97 -5.88
CA PHE E 86 -21.06 10.98 -6.16
C PHE E 86 -20.54 12.42 -6.28
N LYS E 87 -19.56 12.78 -5.47
CA LYS E 87 -19.00 14.12 -5.54
C LYS E 87 -17.54 14.07 -5.95
N THR E 88 -17.19 14.82 -6.99
CA THR E 88 -15.80 14.82 -7.44
C THR E 88 -15.21 16.17 -7.07
N ASN E 89 -14.01 16.40 -7.55
CA ASN E 89 -13.29 17.63 -7.33
C ASN E 89 -13.83 18.76 -8.19
N LYS E 90 -14.67 18.47 -9.16
CA LYS E 90 -15.26 19.47 -10.04
C LYS E 90 -16.76 19.64 -9.91
N LYS E 91 -17.50 18.57 -9.65
CA LYS E 91 -18.96 18.66 -9.62
C LYS E 91 -19.60 17.71 -8.62
N THR E 92 -20.92 17.79 -8.49
CA THR E 92 -21.67 16.85 -7.67
C THR E 92 -22.71 16.15 -8.54
N TYR E 93 -22.80 14.84 -8.50
CA TYR E 93 -23.78 14.10 -9.29
C TYR E 93 -24.79 13.45 -8.36
N GLY E 94 -26.04 13.89 -8.34
CA GLY E 94 -27.00 13.29 -7.41
C GLY E 94 -27.61 14.37 -6.51
N PRO E 95 -28.42 13.90 -5.56
CA PRO E 95 -28.67 12.49 -5.35
C PRO E 95 -29.59 11.83 -6.35
N TYR E 96 -29.48 10.52 -6.45
CA TYR E 96 -30.30 9.64 -7.24
C TYR E 96 -31.11 8.71 -6.32
N GLY E 97 -32.41 8.60 -6.61
CA GLY E 97 -33.24 7.71 -5.82
C GLY E 97 -33.96 8.42 -4.68
N VAL E 98 -34.29 7.72 -3.61
CA VAL E 98 -35.05 8.34 -2.52
C VAL E 98 -34.16 8.70 -1.34
N THR E 99 -34.19 9.95 -0.90
CA THR E 99 -33.34 10.29 0.25
C THR E 99 -34.14 10.13 1.53
N SER E 100 -34.22 8.87 1.96
CA SER E 100 -35.01 8.52 3.13
C SER E 100 -34.46 7.28 3.81
N GLY E 101 -34.39 7.27 5.13
CA GLY E 101 -33.85 6.09 5.81
C GLY E 101 -32.65 6.55 6.62
N THR E 102 -31.60 5.77 6.73
CA THR E 102 -30.40 6.17 7.45
C THR E 102 -29.28 6.50 6.47
N PRO E 103 -28.81 7.72 6.56
CA PRO E 103 -27.71 8.19 5.72
C PRO E 103 -26.40 7.47 6.00
N PHE E 104 -25.44 7.65 5.10
CA PHE E 104 -24.08 7.13 5.28
C PHE E 104 -23.18 8.00 4.42
N ASN E 105 -21.96 8.27 4.83
CA ASN E 105 -21.09 9.07 3.96
C ASN E 105 -19.64 8.65 4.18
N LEU E 106 -18.90 8.70 3.09
CA LEU E 106 -17.51 8.28 3.07
C LEU E 106 -16.63 9.22 2.28
N PRO E 107 -16.27 10.33 2.92
CA PRO E 107 -15.40 11.35 2.37
C PRO E 107 -13.94 10.92 2.36
N ILE E 108 -13.23 11.11 1.27
CA ILE E 108 -11.85 10.65 1.16
C ILE E 108 -10.86 11.80 1.22
N GLU E 109 -10.08 11.89 2.28
CA GLU E 109 -9.06 12.94 2.43
C GLU E 109 -7.81 12.70 1.61
N ASN E 110 -7.35 11.46 1.49
CA ASN E 110 -6.18 11.09 0.76
C ASN E 110 -6.31 9.64 0.26
N GLY E 111 -6.45 9.41 -1.03
CA GLY E 111 -6.59 8.09 -1.60
C GLY E 111 -7.56 8.11 -2.78
N LEU E 112 -7.77 6.94 -3.39
CA LEU E 112 -8.70 6.87 -4.50
C LEU E 112 -9.66 5.70 -4.38
N ILE E 113 -10.83 5.84 -5.03
CA ILE E 113 -11.74 4.70 -5.14
C ILE E 113 -11.28 3.95 -6.40
N VAL E 114 -11.06 2.64 -6.28
CA VAL E 114 -10.60 1.87 -7.43
C VAL E 114 -11.39 0.60 -7.71
N GLY E 115 -12.59 0.44 -7.21
CA GLY E 115 -13.32 -0.82 -7.48
C GLY E 115 -14.55 -0.93 -6.61
N PHE E 116 -15.55 -1.71 -6.96
CA PHE E 116 -16.78 -1.83 -6.18
C PHE E 116 -17.23 -3.28 -6.11
N LYS E 117 -18.06 -3.60 -5.13
CA LYS E 117 -18.67 -4.94 -5.03
C LYS E 117 -19.92 -4.85 -4.17
N GLY E 118 -20.89 -5.70 -4.44
CA GLY E 118 -22.11 -5.62 -3.60
C GLY E 118 -23.05 -6.76 -3.95
N SER E 119 -24.34 -6.41 -4.02
CA SER E 119 -25.37 -7.37 -4.37
C SER E 119 -26.61 -6.69 -4.89
N ILE E 120 -27.27 -7.31 -5.86
CA ILE E 120 -28.47 -6.74 -6.44
C ILE E 120 -29.52 -7.83 -6.63
N GLY E 121 -30.76 -7.56 -6.29
CA GLY E 121 -31.86 -8.53 -6.49
C GLY E 121 -32.95 -7.66 -7.16
N TYR E 122 -33.99 -7.31 -6.41
CA TYR E 122 -34.93 -6.35 -6.99
C TYR E 122 -34.20 -5.02 -7.07
N TRP E 123 -33.66 -4.62 -5.92
CA TRP E 123 -32.91 -3.39 -5.76
C TRP E 123 -31.49 -3.73 -5.30
N MET E 124 -30.60 -2.74 -5.35
CA MET E 124 -29.24 -2.99 -4.87
C MET E 124 -29.32 -3.28 -3.37
N ASP E 125 -28.90 -4.45 -2.90
CA ASP E 125 -28.98 -4.77 -1.48
C ASP E 125 -27.91 -4.15 -0.58
N TYR E 126 -26.68 -4.05 -1.02
CA TYR E 126 -25.61 -3.47 -0.24
C TYR E 126 -24.38 -3.24 -1.11
N PHE E 127 -23.39 -2.54 -0.61
CA PHE E 127 -22.16 -2.46 -1.43
C PHE E 127 -20.98 -1.91 -0.67
N SER E 128 -19.79 -2.21 -1.16
CA SER E 128 -18.52 -1.85 -0.53
C SER E 128 -17.57 -1.28 -1.57
N MET E 129 -16.52 -0.60 -1.16
CA MET E 129 -15.60 0.03 -2.11
C MET E 129 -14.15 -0.38 -1.92
N TYR E 130 -13.37 -0.41 -2.97
CA TYR E 130 -11.93 -0.71 -2.89
C TYR E 130 -11.19 0.62 -2.80
N LEU E 131 -10.30 0.73 -1.82
CA LEU E 131 -9.56 1.98 -1.65
C LEU E 131 -8.07 1.83 -1.85
N SER E 132 -7.47 2.86 -2.44
CA SER E 132 -6.02 2.80 -2.68
C SER E 132 -5.28 4.10 -2.84
N LEU E 133 -3.96 4.05 -2.80
CA LEU E 133 -3.17 5.28 -2.95
C LEU E 133 -2.82 5.50 -4.43
N SER F 4 -2.50 -16.72 -1.86
CA SER F 4 -1.24 -16.28 -1.22
C SER F 4 -0.34 -15.74 -2.33
N GLY F 5 -0.83 -15.90 -3.56
CA GLY F 5 -0.15 -15.35 -4.72
C GLY F 5 -1.03 -14.25 -5.29
N LYS F 6 -2.04 -13.76 -4.60
CA LYS F 6 -2.94 -12.74 -5.13
C LYS F 6 -2.84 -11.45 -4.36
N SER F 7 -2.55 -10.31 -4.95
CA SER F 7 -2.41 -9.06 -4.21
C SER F 7 -3.71 -8.63 -3.54
N GLN F 8 -3.61 -7.75 -2.54
CA GLN F 8 -4.79 -7.32 -1.82
C GLN F 8 -4.95 -5.85 -1.55
N THR F 9 -6.15 -5.29 -1.42
CA THR F 9 -6.33 -3.87 -1.17
C THR F 9 -7.32 -3.56 -0.02
N VAL F 10 -7.22 -2.36 0.58
CA VAL F 10 -8.16 -2.16 1.68
C VAL F 10 -9.57 -2.10 1.09
N ILE F 11 -10.55 -2.58 1.84
CA ILE F 11 -11.95 -2.57 1.42
C ILE F 11 -12.86 -2.06 2.53
N VAL F 12 -13.73 -1.11 2.30
CA VAL F 12 -14.64 -0.62 3.33
C VAL F 12 -16.10 -0.90 3.01
N GLY F 13 -16.91 -1.26 4.00
CA GLY F 13 -18.34 -1.59 3.77
C GLY F 13 -18.61 -2.93 4.45
N PRO F 14 -19.74 -3.54 4.16
CA PRO F 14 -20.73 -3.01 3.27
C PRO F 14 -21.69 -2.03 3.91
N TRP F 15 -22.48 -1.39 3.08
CA TRP F 15 -23.54 -0.51 3.57
C TRP F 15 -24.83 -1.05 2.94
N GLY F 16 -25.83 -1.35 3.77
CA GLY F 16 -27.07 -1.88 3.17
C GLY F 16 -27.51 -3.12 3.90
N ALA F 17 -27.92 -4.19 3.25
CA ALA F 17 -28.39 -5.38 3.96
C ALA F 17 -27.23 -6.02 4.69
N LYS F 18 -27.52 -6.91 5.66
CA LYS F 18 -26.43 -7.52 6.40
C LYS F 18 -26.04 -8.86 5.78
N VAL F 19 -24.77 -9.20 6.05
CA VAL F 19 -24.09 -10.40 5.63
C VAL F 19 -24.11 -10.60 4.11
N GLY G 1 -11.56 24.87 17.34
CA GLY G 1 -10.71 24.25 18.41
C GLY G 1 -9.27 24.04 17.98
N LYS G 2 -8.52 23.29 18.74
CA LYS G 2 -7.10 23.01 18.45
C LYS G 2 -6.94 21.70 17.71
N ALA G 3 -6.47 21.79 16.47
CA ALA G 3 -6.32 20.67 15.56
C ALA G 3 -5.10 19.80 15.86
N PHE G 4 -5.26 18.49 15.69
CA PHE G 4 -4.17 17.58 15.97
C PHE G 4 -4.05 16.57 14.84
N ASP G 5 -2.89 15.91 14.83
CA ASP G 5 -2.60 14.85 13.88
C ASP G 5 -1.65 13.84 14.51
N ASP G 6 -1.99 12.58 14.73
CA ASP G 6 -1.05 11.67 15.34
C ASP G 6 -0.19 11.00 14.28
N GLY G 7 -0.65 10.78 13.06
CA GLY G 7 0.18 10.06 12.12
C GLY G 7 -0.07 8.56 12.09
N ALA G 8 0.67 7.82 11.24
CA ALA G 8 0.46 6.40 11.10
C ALA G 8 1.40 5.52 11.91
N PHE G 9 0.85 4.47 12.52
CA PHE G 9 1.56 3.51 13.35
C PHE G 9 1.40 2.09 12.84
N THR G 10 1.67 1.04 13.57
CA THR G 10 1.52 -0.32 13.05
C THR G 10 0.29 -1.00 13.64
N GLY G 11 -0.38 -0.39 14.60
CA GLY G 11 -1.57 -0.93 15.23
C GLY G 11 -2.03 -0.11 16.42
N ILE G 12 -3.13 -0.47 17.05
CA ILE G 12 -3.70 0.24 18.17
C ILE G 12 -3.78 -0.62 19.41
N ARG G 13 -3.34 -0.13 20.58
CA ARG G 13 -3.38 -0.95 21.78
C ARG G 13 -4.39 -0.51 22.83
N GLU G 14 -4.62 0.80 22.92
CA GLU G 14 -5.60 1.30 23.90
C GLU G 14 -6.21 2.64 23.53
N ILE G 15 -7.51 2.82 23.72
CA ILE G 15 -8.11 4.12 23.43
C ILE G 15 -8.62 4.73 24.74
N ASN G 16 -8.35 6.02 24.97
CA ASN G 16 -8.84 6.67 26.18
C ASN G 16 -9.64 7.92 25.82
N LEU G 17 -10.94 7.93 26.12
CA LEU G 17 -11.64 9.17 25.76
C LEU G 17 -12.52 9.64 26.90
N SER G 18 -13.22 10.76 26.70
CA SER G 18 -14.15 11.21 27.72
C SER G 18 -15.39 11.77 27.04
N TYR G 19 -16.53 11.68 27.71
CA TYR G 19 -17.79 12.21 27.18
C TYR G 19 -18.72 12.82 28.21
N ASN G 20 -19.79 13.47 27.79
CA ASN G 20 -20.81 14.01 28.68
C ASN G 20 -22.18 13.48 28.28
N LYS G 21 -23.06 13.05 29.19
CA LYS G 21 -24.36 12.53 28.74
C LYS G 21 -25.27 13.58 28.11
N GLU G 22 -25.09 14.87 28.32
CA GLU G 22 -25.91 15.88 27.72
C GLU G 22 -25.23 16.61 26.57
N THR G 23 -23.91 16.53 26.35
CA THR G 23 -23.34 17.34 25.27
C THR G 23 -22.68 16.59 24.13
N ALA G 24 -21.42 16.22 24.28
CA ALA G 24 -20.65 15.55 23.24
C ALA G 24 -19.35 14.97 23.77
N ILE G 25 -18.48 14.56 22.87
CA ILE G 25 -17.18 13.97 23.20
C ILE G 25 -16.20 15.07 23.59
N GLY G 26 -15.39 14.81 24.61
CA GLY G 26 -14.42 15.77 25.10
C GLY G 26 -13.00 15.30 24.81
N ASP G 27 -12.28 14.69 25.74
CA ASP G 27 -10.91 14.27 25.50
C ASP G 27 -10.71 13.01 24.68
N PHE G 28 -9.55 12.99 23.98
CA PHE G 28 -9.15 11.88 23.13
C PHE G 28 -7.66 11.58 23.23
N GLN G 29 -7.28 10.32 23.43
CA GLN G 29 -5.84 10.00 23.52
C GLN G 29 -5.54 8.55 23.22
N VAL G 30 -4.59 8.21 22.34
CA VAL G 30 -4.41 6.75 22.09
C VAL G 30 -3.01 6.19 22.25
N VAL G 31 -2.93 4.91 22.66
CA VAL G 31 -1.65 4.24 22.84
C VAL G 31 -1.47 3.30 21.64
N TYR G 32 -0.50 3.63 20.77
CA TYR G 32 -0.34 2.88 19.53
C TYR G 32 0.66 1.74 19.65
N ASP G 33 0.66 0.80 18.72
CA ASP G 33 1.70 -0.21 18.67
C ASP G 33 2.72 0.30 17.63
N LEU G 34 3.99 0.39 17.99
CA LEU G 34 5.00 0.82 17.03
C LEU G 34 5.98 -0.33 16.85
N ASN G 35 5.79 -1.10 15.77
CA ASN G 35 6.66 -2.25 15.56
C ASN G 35 6.81 -3.17 16.77
N GLY G 36 5.72 -3.54 17.44
CA GLY G 36 5.82 -4.47 18.55
C GLY G 36 6.06 -3.91 19.92
N SER G 37 6.03 -2.60 20.06
CA SER G 37 6.17 -1.99 21.38
C SER G 37 5.21 -0.82 21.53
N PRO G 38 4.64 -0.66 22.71
CA PRO G 38 3.73 0.42 23.03
C PRO G 38 4.28 1.77 22.66
N TYR G 39 3.45 2.67 22.19
CA TYR G 39 3.85 4.01 21.84
C TYR G 39 2.82 5.01 22.33
N VAL G 40 3.07 5.70 23.43
CA VAL G 40 2.07 6.63 23.94
C VAL G 40 1.91 7.88 23.12
N GLY G 41 0.77 8.08 22.50
CA GLY G 41 0.51 9.27 21.71
C GLY G 41 0.18 10.44 22.65
N GLN G 42 0.29 11.63 22.09
CA GLN G 42 0.02 12.87 22.80
C GLN G 42 -1.41 12.89 23.28
N ASN G 43 -1.70 13.52 24.41
CA ASN G 43 -3.08 13.57 24.90
C ASN G 43 -3.82 14.81 24.41
N HIS G 44 -4.91 14.66 23.67
CA HIS G 44 -5.63 15.84 23.18
C HIS G 44 -6.72 16.15 24.18
N SER G 45 -6.64 17.29 24.84
CA SER G 45 -7.67 17.50 25.89
C SER G 45 -8.61 18.63 25.55
N SER G 46 -9.81 18.61 26.10
CA SER G 46 -10.81 19.64 25.86
C SER G 46 -10.56 20.93 26.62
N PHE G 47 -11.03 22.07 26.07
CA PHE G 47 -10.86 23.32 26.80
C PHE G 47 -11.57 23.33 28.13
N ILE G 48 -12.71 22.68 28.35
CA ILE G 48 -13.47 22.78 29.57
C ILE G 48 -13.47 21.54 30.44
N SER G 49 -14.36 21.41 31.41
CA SER G 49 -14.39 20.34 32.39
C SER G 49 -15.78 19.70 32.50
N GLY G 50 -15.87 18.60 33.23
CA GLY G 50 -17.11 17.92 33.50
C GLY G 50 -17.37 16.66 32.73
N PHE G 51 -16.37 15.93 32.25
CA PHE G 51 -16.57 14.74 31.45
C PHE G 51 -16.37 13.45 32.20
N THR G 52 -16.93 12.34 31.71
CA THR G 52 -16.69 11.02 32.28
C THR G 52 -15.68 10.30 31.38
N PRO G 53 -14.61 9.84 31.98
CA PRO G 53 -13.55 9.14 31.26
C PRO G 53 -13.87 7.70 30.98
N VAL G 54 -13.25 7.08 30.01
CA VAL G 54 -13.41 5.71 29.58
C VAL G 54 -12.05 5.18 29.06
N LYS G 55 -11.72 3.95 29.39
CA LYS G 55 -10.53 3.32 28.84
C LYS G 55 -10.88 2.09 28.01
N ILE G 56 -10.48 2.02 26.74
CA ILE G 56 -10.75 0.85 25.91
C ILE G 56 -9.42 0.14 25.67
N SER G 57 -9.24 -1.01 26.31
CA SER G 57 -7.99 -1.71 26.13
C SER G 57 -8.01 -2.96 25.30
N LEU G 58 -7.84 -2.85 23.99
CA LEU G 58 -7.90 -4.07 23.19
C LEU G 58 -6.81 -5.04 23.57
N ASP G 59 -7.04 -6.33 23.35
CA ASP G 59 -6.06 -7.38 23.56
C ASP G 59 -5.28 -7.63 22.26
N PHE G 60 -4.43 -6.67 21.93
CA PHE G 60 -3.58 -6.65 20.73
C PHE G 60 -2.59 -7.78 20.82
N PRO G 61 -2.25 -8.43 19.73
CA PRO G 61 -2.76 -8.12 18.43
C PRO G 61 -3.87 -9.00 17.92
N SER G 62 -4.43 -9.87 18.74
CA SER G 62 -5.50 -10.76 18.29
C SER G 62 -6.86 -10.08 18.33
N GLU G 63 -6.98 -8.89 18.88
CA GLU G 63 -8.22 -8.12 18.91
C GLU G 63 -7.93 -6.79 18.22
N TYR G 64 -8.75 -6.43 17.24
CA TYR G 64 -8.52 -5.19 16.49
C TYR G 64 -9.83 -4.62 16.01
N ILE G 65 -10.00 -3.30 15.96
CA ILE G 65 -11.23 -2.63 15.55
C ILE G 65 -11.67 -3.07 14.15
N THR G 66 -12.96 -3.34 13.99
CA THR G 66 -13.54 -3.74 12.73
C THR G 66 -14.65 -2.81 12.29
N GLU G 67 -15.14 -1.94 13.18
CA GLU G 67 -16.12 -0.92 12.78
C GLU G 67 -16.03 0.30 13.71
N VAL G 68 -16.18 1.50 13.17
CA VAL G 68 -16.21 2.74 13.92
C VAL G 68 -17.46 3.52 13.49
N SER G 69 -18.26 3.97 14.44
CA SER G 69 -19.47 4.75 14.05
C SER G 69 -19.82 5.78 15.10
N GLY G 70 -20.64 6.77 14.78
CA GLY G 70 -20.98 7.74 15.85
C GLY G 70 -22.04 8.68 15.32
N TYR G 71 -22.26 9.80 16.00
CA TYR G 71 -23.19 10.82 15.53
C TYR G 71 -22.53 12.20 15.56
N THR G 72 -22.91 13.09 14.67
CA THR G 72 -22.45 14.47 14.71
C THR G 72 -23.71 15.35 14.75
N GLY G 73 -23.63 16.44 15.47
CA GLY G 73 -24.74 17.36 15.56
C GLY G 73 -24.27 18.74 16.00
N ASN G 74 -25.25 19.60 16.15
CA ASN G 74 -25.11 20.97 16.57
C ASN G 74 -25.27 21.05 18.08
N VAL G 75 -24.27 21.58 18.77
CA VAL G 75 -24.26 21.77 20.20
C VAL G 75 -23.83 23.23 20.43
N SER G 76 -24.78 23.99 20.95
CA SER G 76 -24.61 25.39 21.26
C SER G 76 -24.08 26.20 20.09
N GLY G 77 -24.56 25.81 18.91
CA GLY G 77 -24.31 26.45 17.64
C GLY G 77 -23.10 25.92 16.91
N TYR G 78 -22.35 25.01 17.52
CA TYR G 78 -21.18 24.44 16.85
C TYR G 78 -21.49 23.05 16.33
N VAL G 79 -20.84 22.63 15.25
CA VAL G 79 -21.11 21.26 14.79
C VAL G 79 -20.04 20.33 15.36
N VAL G 80 -20.43 19.38 16.20
CA VAL G 80 -19.44 18.52 16.84
C VAL G 80 -19.74 17.04 16.74
N VAL G 81 -18.90 16.20 17.32
CA VAL G 81 -19.10 14.75 17.33
C VAL G 81 -19.75 14.42 18.66
N ARG G 82 -21.04 14.07 18.68
CA ARG G 82 -21.76 13.85 19.94
C ARG G 82 -21.66 12.45 20.52
N SER G 83 -21.32 11.49 19.68
CA SER G 83 -21.24 10.12 20.10
C SER G 83 -20.15 9.31 19.40
N LEU G 84 -19.70 8.21 19.97
CA LEU G 84 -18.69 7.40 19.27
C LEU G 84 -18.80 5.96 19.74
N THR G 85 -18.55 4.99 18.88
CA THR G 85 -18.64 3.57 19.24
C THR G 85 -17.52 2.80 18.56
N PHE G 86 -16.89 1.88 19.28
CA PHE G 86 -15.84 1.08 18.63
C PHE G 86 -16.25 -0.39 18.65
N LYS G 87 -16.35 -1.04 17.50
CA LYS G 87 -16.72 -2.45 17.48
C LYS G 87 -15.51 -3.28 17.10
N THR G 88 -15.01 -4.19 17.93
CA THR G 88 -13.88 -5.02 17.52
C THR G 88 -14.37 -6.41 17.12
N ASN G 89 -13.42 -7.31 16.86
CA ASN G 89 -13.77 -8.68 16.50
C ASN G 89 -14.24 -9.48 17.69
N LYS G 90 -14.08 -8.99 18.90
CA LYS G 90 -14.48 -9.69 20.10
C LYS G 90 -15.55 -8.99 20.92
N LYS G 91 -15.72 -7.69 20.81
CA LYS G 91 -16.65 -6.98 21.68
C LYS G 91 -17.13 -5.68 21.10
N THR G 92 -18.12 -5.02 21.69
CA THR G 92 -18.56 -3.69 21.27
C THR G 92 -18.31 -2.66 22.36
N TYR G 93 -17.80 -1.48 22.03
CA TYR G 93 -17.57 -0.47 23.07
C TYR G 93 -18.38 0.78 22.73
N GLY G 94 -19.42 1.08 23.50
CA GLY G 94 -20.28 2.20 23.19
C GLY G 94 -21.74 1.81 23.02
N PRO G 95 -22.58 2.79 22.67
CA PRO G 95 -22.14 4.14 22.40
C PRO G 95 -21.73 4.98 23.59
N TYR G 96 -20.99 6.04 23.39
CA TYR G 96 -20.60 6.97 24.44
C TYR G 96 -21.06 8.37 23.95
N GLY G 97 -21.66 9.13 24.86
CA GLY G 97 -22.13 10.47 24.51
C GLY G 97 -23.59 10.46 24.10
N VAL G 98 -23.95 11.37 23.20
CA VAL G 98 -25.35 11.48 22.82
C VAL G 98 -25.61 10.85 21.48
N THR G 99 -26.54 9.91 21.36
CA THR G 99 -26.89 9.37 20.06
C THR G 99 -28.00 10.19 19.39
N SER G 100 -27.70 11.41 18.98
CA SER G 100 -28.68 12.29 18.36
C SER G 100 -28.00 13.16 17.33
N GLY G 101 -28.64 13.49 16.23
CA GLY G 101 -27.99 14.24 15.15
C GLY G 101 -27.99 13.35 13.90
N THR G 102 -26.92 13.34 13.16
CA THR G 102 -26.74 12.55 11.96
C THR G 102 -25.71 11.46 12.17
N PRO G 103 -26.09 10.22 11.91
CA PRO G 103 -25.20 9.10 12.14
C PRO G 103 -24.16 8.96 11.05
N PHE G 104 -23.07 8.28 11.39
CA PHE G 104 -22.07 7.95 10.36
C PHE G 104 -21.52 6.58 10.75
N ASN G 105 -21.15 5.76 9.77
CA ASN G 105 -20.47 4.52 10.13
C ASN G 105 -19.43 4.13 9.07
N LEU G 106 -18.35 3.50 9.54
CA LEU G 106 -17.27 3.06 8.71
C LEU G 106 -16.83 1.65 9.07
N PRO G 107 -17.50 0.66 8.48
CA PRO G 107 -17.15 -0.74 8.63
C PRO G 107 -15.97 -1.09 7.71
N ILE G 108 -14.97 -1.78 8.24
CA ILE G 108 -13.83 -2.18 7.44
C ILE G 108 -13.84 -3.66 7.12
N GLU G 109 -14.00 -4.03 5.87
CA GLU G 109 -14.01 -5.37 5.35
C GLU G 109 -12.60 -5.94 5.23
N ASN G 110 -11.62 -5.12 4.89
CA ASN G 110 -10.24 -5.62 4.82
C ASN G 110 -9.28 -4.46 5.03
N GLY G 111 -8.49 -4.53 6.10
CA GLY G 111 -7.56 -3.42 6.36
C GLY G 111 -7.54 -3.05 7.84
N LEU G 112 -6.71 -2.08 8.21
CA LEU G 112 -6.62 -1.69 9.60
C LEU G 112 -6.64 -0.19 9.83
N ILE G 113 -7.08 0.19 11.03
CA ILE G 113 -7.05 1.59 11.48
C ILE G 113 -5.69 1.78 12.17
N VAL G 114 -4.88 2.70 11.67
CA VAL G 114 -3.56 2.86 12.25
C VAL G 114 -3.23 4.29 12.68
N GLY G 115 -4.23 5.17 12.71
CA GLY G 115 -3.90 6.54 13.14
C GLY G 115 -5.14 7.41 13.20
N PHE G 116 -5.04 8.51 13.95
CA PHE G 116 -6.19 9.41 14.06
C PHE G 116 -5.75 10.86 13.87
N LYS G 117 -6.68 11.72 13.51
CA LYS G 117 -6.45 13.16 13.47
C LYS G 117 -7.81 13.87 13.51
N GLY G 118 -7.83 15.08 14.05
CA GLY G 118 -9.08 15.84 14.13
C GLY G 118 -8.83 17.19 14.79
N SER G 119 -9.75 17.63 15.62
CA SER G 119 -9.67 18.90 16.32
C SER G 119 -10.62 18.96 17.51
N ILE G 120 -10.16 19.53 18.63
CA ILE G 120 -10.97 19.63 19.83
C ILE G 120 -10.98 21.06 20.39
N GLY G 121 -12.18 21.62 20.63
CA GLY G 121 -12.32 22.94 21.23
C GLY G 121 -12.92 22.66 22.61
N TYR G 122 -14.20 23.04 22.77
CA TYR G 122 -14.95 22.66 23.96
C TYR G 122 -15.15 21.15 23.87
N TRP G 123 -15.66 20.69 22.74
CA TRP G 123 -15.92 19.31 22.42
C TRP G 123 -15.08 18.91 21.20
N MET G 124 -15.20 17.68 20.71
CA MET G 124 -14.46 17.23 19.52
C MET G 124 -15.17 17.80 18.30
N ASP G 125 -14.44 18.58 17.52
CA ASP G 125 -14.98 19.26 16.34
C ASP G 125 -15.14 18.33 15.18
N TYR G 126 -14.13 17.52 14.87
CA TYR G 126 -14.23 16.53 13.80
C TYR G 126 -13.11 15.53 13.90
N PHE G 127 -13.16 14.45 13.12
CA PHE G 127 -11.96 13.59 13.13
C PHE G 127 -11.86 12.70 11.90
N SER G 128 -10.68 12.13 11.66
CA SER G 128 -10.39 11.35 10.47
C SER G 128 -9.56 10.13 10.77
N MET G 129 -9.55 9.11 9.94
CA MET G 129 -8.81 7.90 10.26
C MET G 129 -7.80 7.51 9.20
N TYR G 130 -6.70 6.90 9.67
CA TYR G 130 -5.67 6.40 8.77
C TYR G 130 -5.93 4.88 8.61
N LEU G 131 -6.05 4.48 7.35
CA LEU G 131 -6.29 3.08 7.03
C LEU G 131 -5.06 2.50 6.34
N SER G 132 -4.92 1.18 6.42
CA SER G 132 -3.82 0.47 5.82
C SER G 132 -3.94 -1.05 5.90
N LEU G 133 -3.12 -1.77 5.17
CA LEU G 133 -3.04 -3.23 5.20
C LEU G 133 -2.03 -3.67 6.27
N SER H 4 7.91 14.62 -0.15
CA SER H 4 8.36 13.62 -1.16
C SER H 4 9.22 12.57 -0.46
N GLY H 5 9.89 13.03 0.60
CA GLY H 5 10.74 12.11 1.36
C GLY H 5 9.98 11.38 2.43
N LYS H 6 8.71 11.66 2.64
CA LYS H 6 7.90 11.05 3.68
C LYS H 6 6.84 10.09 3.15
N SER H 7 6.56 8.98 3.81
CA SER H 7 5.62 8.01 3.28
C SER H 7 4.17 8.46 3.38
N GLN H 8 3.26 7.75 2.70
CA GLN H 8 1.87 8.22 2.77
C GLN H 8 0.89 7.07 2.90
N THR H 9 -0.25 7.31 3.55
CA THR H 9 -1.25 6.27 3.82
C THR H 9 -2.64 6.78 3.49
N VAL H 10 -3.63 5.97 3.12
CA VAL H 10 -4.94 6.52 2.76
C VAL H 10 -5.61 7.12 3.99
N ILE H 11 -6.41 8.18 3.80
CA ILE H 11 -7.10 8.81 4.92
C ILE H 11 -8.57 9.13 4.64
N VAL H 12 -9.50 8.56 5.42
CA VAL H 12 -10.93 8.84 5.23
C VAL H 12 -11.46 9.83 6.26
N GLY H 13 -12.32 10.76 5.87
CA GLY H 13 -12.85 11.79 6.77
C GLY H 13 -12.67 13.17 6.16
N PRO H 14 -12.96 14.23 6.90
CA PRO H 14 -13.40 14.19 8.27
C PRO H 14 -14.89 14.06 8.57
N TRP H 15 -15.27 13.60 9.75
CA TRP H 15 -16.69 13.56 10.15
C TRP H 15 -16.90 14.69 11.15
N GLY H 16 -17.83 15.61 11.04
CA GLY H 16 -17.91 16.69 12.02
C GLY H 16 -17.99 18.05 11.38
N ALA H 17 -17.66 19.12 12.09
CA ALA H 17 -17.64 20.48 11.56
C ALA H 17 -16.81 20.59 10.29
N LYS H 18 -17.12 21.57 9.44
CA LYS H 18 -16.42 21.68 8.17
C LYS H 18 -15.03 22.29 8.21
N VAL H 19 -14.29 21.91 7.18
CA VAL H 19 -12.94 22.35 6.85
C VAL H 19 -11.89 22.17 7.96
C1 AMG I . 19.40 -1.98 -31.66
C2 AMG I . 18.80 -0.64 -31.20
C3 AMG I . 19.62 -0.07 -30.04
C4 AMG I . 19.82 -1.11 -28.95
C5 AMG I . 20.28 -2.43 -29.51
C6 AMG I . 20.38 -3.52 -28.49
C7 AMG I . 21.38 -2.73 -32.63
O1 AMG I . 20.71 -1.63 -32.05
O2 AMG I . 18.79 0.21 -32.31
O3 AMG I . 18.88 1.04 -29.49
O4 AMG I . 18.58 -1.35 -28.32
O5 AMG I . 19.35 -2.87 -30.54
O6 AMG I . 19.17 -4.07 -28.00
C1 AMG J . 31.03 -14.29 14.54
C2 AMG J . 29.64 -14.89 14.68
C3 AMG J . 29.36 -15.76 13.44
C4 AMG J . 29.37 -14.80 12.25
C5 AMG J . 30.71 -14.08 12.18
C6 AMG J . 30.72 -13.00 11.13
C7 AMG J . 33.23 -14.96 14.42
O1 AMG J . 31.88 -15.39 14.31
O2 AMG J . 29.65 -15.79 15.78
O3 AMG J . 28.02 -16.17 13.70
O4 AMG J . 28.34 -13.86 12.48
O5 AMG J . 31.04 -13.43 13.42
O6 AMG J . 29.86 -11.91 11.38
C1 AMG K . -35.34 -10.14 -4.04
C2 AMG K . -34.90 -11.09 -2.97
C3 AMG K . -33.86 -10.67 -1.96
C4 AMG K . -33.46 -9.20 -2.08
C5 AMG K . -34.66 -8.42 -2.60
C6 AMG K . -34.43 -6.93 -2.57
C7 AMG K . -37.49 -9.35 -3.40
O1 AMG K . -36.72 -10.30 -4.08
O2 AMG K . -34.37 -12.23 -3.67
O3 AMG K . -32.73 -11.53 -2.15
O4 AMG K . -32.52 -9.15 -3.15
O5 AMG K . -34.82 -8.83 -3.98
O6 AMG K . -33.55 -6.42 -3.52
C1 AMG L . -15.13 26.42 21.33
C2 AMG L . -14.18 26.80 20.21
C3 AMG L . -14.82 26.61 18.84
C4 AMG L . -15.28 25.14 18.79
C5 AMG L . -16.32 24.95 19.89
C6 AMG L . -16.94 23.58 19.85
C7 AMG L . -17.13 27.07 22.38
O1 AMG L . -16.19 27.35 21.35
O2 AMG L . -13.83 28.17 20.33
O3 AMG L . -13.76 26.64 17.90
O4 AMG L . -14.13 24.38 19.12
O5 AMG L . -15.63 25.10 21.15
O6 AMG L . -16.03 22.54 20.09
#